data_3R38
#
_entry.id   3R38
#
_cell.length_a   144.579
_cell.length_b   51.923
_cell.length_c   78.178
_cell.angle_alpha   90.00
_cell.angle_beta   110.95
_cell.angle_gamma   90.00
#
_symmetry.space_group_name_H-M   'C 1 2 1'
#
loop_
_entity.id
_entity.type
_entity.pdbx_description
1 polymer 'UDP-N-acetylglucosamine 1-carboxyvinyltransferase 1'
2 non-polymer 'CHLORIDE ION'
3 non-polymer 'SULFATE ION'
4 water water
#
_entity_poly.entity_id   1
_entity_poly.type   'polypeptide(L)'
_entity_poly.pdbx_seq_one_letter_code
;MHHHHHHSSGVDLGTENLYFQSNAMEKIIVRGGKQLNGSVKMEGAKNAVLPVIAATLLASKGTSVLKNVPNLSDVFTINE
VLKYLNADVSFVNDEVTVDATGEITSDAPFEYVRKMRASIVVMGPLLARTGSARVALPGGCAIGSRPVDLHLKGFEAMGA
VVKIENGYIEATAEKLVGAKVYLDFPSVGATQNIMMAATLAEGTTVIENVAREPEIVDLANFLNQMGARVIGAGTEVIRI
EGVKELTATEHSIIPDRIEAGTFMIAAAITGGNVLIEDAVPEHISSLIAKLEEMGVQIIEEENGIRVIGPDKLKAVDVKT
MPHPGFPTDMQSQMMVIQMLSEGTSIMTETVFENRFMHVEEMRRMNADMKIEGHSVIISGPAKLQGAEVAATDLRAAAAL
ILAGLVADGYTQVTELKYLDRGYNNFHGKLQALGADVERVDDSKVDVTNLASLF
;
_entity_poly.pdbx_strand_id   A
#
# COMPACT_ATOMS: atom_id res chain seq x y z
N THR A 15 -2.63 21.88 18.30
CA THR A 15 -2.59 20.42 18.63
C THR A 15 -2.66 19.56 17.33
N GLU A 16 -3.27 20.12 16.28
CA GLU A 16 -3.40 19.44 14.98
C GLU A 16 -2.04 19.09 14.38
N ASN A 17 -1.96 17.93 13.73
CA ASN A 17 -0.71 17.51 13.10
C ASN A 17 -0.40 18.38 11.90
N LEU A 18 0.88 18.66 11.70
CA LEU A 18 1.31 19.46 10.58
C LEU A 18 2.10 18.59 9.62
N TYR A 19 1.93 18.83 8.33
CA TYR A 19 2.67 18.07 7.34
C TYR A 19 3.83 18.91 6.86
N PHE A 20 5.03 18.37 6.98
CA PHE A 20 6.18 19.10 6.55
C PHE A 20 6.77 18.53 5.29
N GLN A 21 6.96 19.42 4.34
CA GLN A 21 7.55 19.10 3.08
C GLN A 21 8.99 18.71 3.35
N SER A 22 9.58 17.92 2.46
CA SER A 22 10.97 17.52 2.61
C SER A 22 11.65 18.29 1.49
N ASN A 23 12.97 18.45 1.55
CA ASN A 23 13.65 19.18 0.50
C ASN A 23 13.84 18.27 -0.70
N ALA A 24 13.77 18.84 -1.90
CA ALA A 24 13.95 18.08 -3.11
C ALA A 24 15.38 17.54 -3.20
N MET A 25 15.53 16.36 -3.79
CA MET A 25 16.83 15.73 -3.97
C MET A 25 17.56 15.25 -2.72
N GLU A 26 16.83 14.93 -1.65
CA GLU A 26 17.47 14.43 -0.43
C GLU A 26 17.95 13.02 -0.77
N LYS A 27 18.92 12.52 -0.02
CA LYS A 27 19.43 11.18 -0.27
C LYS A 27 19.51 10.29 0.94
N ILE A 28 19.39 8.99 0.69
CA ILE A 28 19.52 7.97 1.71
C ILE A 28 20.78 7.25 1.28
N ILE A 29 21.79 7.31 2.13
CA ILE A 29 23.07 6.68 1.83
C ILE A 29 23.21 5.47 2.72
N VAL A 30 23.44 4.33 2.10
CA VAL A 30 23.58 3.11 2.83
C VAL A 30 24.96 2.50 2.65
N ARG A 31 25.55 2.05 3.74
CA ARG A 31 26.85 1.39 3.70
C ARG A 31 26.56 -0.06 4.06
N GLY A 32 26.63 -0.93 3.07
CA GLY A 32 26.35 -2.34 3.27
C GLY A 32 27.36 -3.09 4.10
N GLY A 33 26.95 -4.26 4.58
CA GLY A 33 27.82 -5.12 5.40
C GLY A 33 27.36 -5.33 6.82
N LYS A 34 26.36 -4.56 7.26
CA LYS A 34 25.86 -4.69 8.63
C LYS A 34 24.69 -5.65 8.81
N GLN A 35 24.80 -6.45 9.87
CA GLN A 35 23.80 -7.44 10.24
C GLN A 35 22.74 -6.72 11.08
N LEU A 36 21.47 -6.91 10.75
CA LEU A 36 20.39 -6.26 11.49
C LEU A 36 19.92 -7.12 12.67
N ASN A 37 19.82 -6.48 13.84
CA ASN A 37 19.41 -7.13 15.07
C ASN A 37 18.58 -6.20 15.94
N GLY A 38 17.44 -6.66 16.41
CA GLY A 38 16.60 -5.82 17.26
C GLY A 38 15.11 -5.97 17.10
N SER A 39 14.41 -4.88 17.37
CA SER A 39 12.96 -4.85 17.30
C SER A 39 12.47 -3.65 16.46
N VAL A 40 11.35 -3.82 15.78
CA VAL A 40 10.79 -2.76 14.95
C VAL A 40 9.26 -2.81 15.03
N LYS A 41 8.67 -1.65 15.27
N LYS A 41 8.66 -1.65 15.29
CA LYS A 41 7.22 -1.51 15.38
CA LYS A 41 7.21 -1.51 15.41
C LYS A 41 6.64 -1.02 14.06
C LYS A 41 6.60 -0.97 14.12
N MET A 42 5.49 -1.57 13.68
CA MET A 42 4.81 -1.18 12.45
C MET A 42 3.64 -0.22 12.68
N GLU A 43 3.45 0.72 11.75
CA GLU A 43 2.35 1.68 11.83
C GLU A 43 1.16 1.13 11.05
N GLY A 44 0.07 1.90 10.97
CA GLY A 44 -1.12 1.49 10.25
C GLY A 44 -0.85 1.45 8.76
N ALA A 45 -1.59 0.62 8.04
CA ALA A 45 -1.42 0.49 6.59
C ALA A 45 -2.03 1.66 5.82
N LYS A 46 -1.31 2.18 4.82
CA LYS A 46 -1.85 3.28 4.01
C LYS A 46 -2.98 2.72 3.18
N ASN A 47 -2.78 1.51 2.67
CA ASN A 47 -3.77 0.83 1.85
C ASN A 47 -5.06 0.53 2.61
N ALA A 48 -5.03 0.68 3.93
CA ALA A 48 -6.22 0.43 4.73
C ALA A 48 -6.85 1.72 5.23
N VAL A 49 -6.03 2.69 5.59
CA VAL A 49 -6.52 3.97 6.13
C VAL A 49 -7.31 4.87 5.17
N LEU A 50 -6.89 4.98 3.92
CA LEU A 50 -7.63 5.84 2.98
C LEU A 50 -9.09 5.40 2.83
N PRO A 51 -9.34 4.12 2.54
CA PRO A 51 -10.72 3.69 2.41
C PRO A 51 -11.50 3.86 3.72
N VAL A 52 -10.87 3.57 4.86
CA VAL A 52 -11.52 3.71 6.14
C VAL A 52 -11.95 5.16 6.35
N ILE A 53 -11.05 6.11 6.06
CA ILE A 53 -11.37 7.53 6.22
C ILE A 53 -12.53 7.92 5.31
N ALA A 54 -12.48 7.47 4.05
CA ALA A 54 -13.53 7.75 3.10
C ALA A 54 -14.87 7.21 3.61
N ALA A 55 -14.83 6.03 4.21
CA ALA A 55 -16.02 5.37 4.74
C ALA A 55 -16.71 6.18 5.83
N THR A 56 -15.97 7.07 6.50
CA THR A 56 -16.60 7.88 7.55
C THR A 56 -17.71 8.77 6.99
N LEU A 57 -17.67 9.04 5.70
CA LEU A 57 -18.70 9.86 5.03
C LEU A 57 -20.08 9.21 5.07
N LEU A 58 -20.11 7.90 5.27
CA LEU A 58 -21.36 7.13 5.35
C LEU A 58 -22.11 7.36 6.66
N ALA A 59 -21.39 7.73 7.71
CA ALA A 59 -21.99 7.95 9.02
C ALA A 59 -22.75 9.26 9.18
N SER A 60 -24.08 9.20 9.09
CA SER A 60 -24.92 10.38 9.23
C SER A 60 -25.20 10.74 10.69
N LYS A 61 -24.77 9.86 11.60
CA LYS A 61 -24.94 10.10 13.03
C LYS A 61 -23.65 9.75 13.76
N GLY A 62 -23.36 10.52 14.82
CA GLY A 62 -22.17 10.31 15.62
C GLY A 62 -20.88 10.87 15.00
N THR A 63 -19.78 10.70 15.73
CA THR A 63 -18.48 11.15 15.30
C THR A 63 -17.53 9.94 15.24
N SER A 64 -16.87 9.76 14.10
CA SER A 64 -15.96 8.65 13.92
C SER A 64 -14.61 8.92 14.57
N VAL A 65 -14.04 7.89 15.19
CA VAL A 65 -12.75 8.00 15.83
C VAL A 65 -11.87 6.89 15.25
N LEU A 66 -10.91 7.28 14.42
CA LEU A 66 -10.01 6.34 13.81
C LEU A 66 -8.68 6.39 14.55
N LYS A 67 -8.13 5.23 14.89
CA LYS A 67 -6.85 5.18 15.61
C LYS A 67 -5.82 4.41 14.80
N ASN A 68 -4.56 4.56 15.21
CA ASN A 68 -3.41 3.92 14.58
C ASN A 68 -3.26 4.44 13.14
N VAL A 69 -3.57 5.72 12.94
CA VAL A 69 -3.48 6.36 11.62
C VAL A 69 -2.05 6.82 11.40
N PRO A 70 -1.42 6.35 10.32
CA PRO A 70 -0.03 6.72 10.00
C PRO A 70 0.13 8.17 9.57
N ASN A 71 1.30 8.73 9.83
CA ASN A 71 1.60 10.11 9.48
C ASN A 71 2.12 10.13 8.02
N LEU A 72 1.19 10.15 7.07
CA LEU A 72 1.52 10.15 5.66
C LEU A 72 0.80 11.23 4.87
N SER A 73 1.43 11.68 3.79
CA SER A 73 0.88 12.72 2.94
C SER A 73 -0.56 12.46 2.48
N ASP A 74 -0.84 11.27 1.97
CA ASP A 74 -2.20 10.96 1.52
C ASP A 74 -3.25 11.10 2.59
N VAL A 75 -2.88 10.88 3.86
CA VAL A 75 -3.84 11.03 4.94
C VAL A 75 -4.23 12.52 5.04
N PHE A 76 -3.23 13.40 5.06
CA PHE A 76 -3.51 14.85 5.12
C PHE A 76 -4.35 15.26 3.92
N THR A 77 -4.02 14.74 2.74
CA THR A 77 -4.74 15.09 1.53
C THR A 77 -6.21 14.64 1.60
N ILE A 78 -6.44 13.37 1.93
CA ILE A 78 -7.81 12.86 2.04
C ILE A 78 -8.58 13.70 3.07
N ASN A 79 -7.95 14.03 4.18
CA ASN A 79 -8.62 14.85 5.20
C ASN A 79 -9.07 16.18 4.60
N GLU A 80 -8.24 16.79 3.75
CA GLU A 80 -8.62 18.06 3.12
C GLU A 80 -9.81 17.83 2.20
N VAL A 81 -9.85 16.71 1.50
CA VAL A 81 -10.97 16.42 0.61
C VAL A 81 -12.24 16.33 1.44
N LEU A 82 -12.24 15.52 2.50
CA LEU A 82 -13.43 15.41 3.36
C LEU A 82 -13.92 16.76 3.89
N LYS A 83 -12.99 17.62 4.30
CA LYS A 83 -13.38 18.93 4.81
C LYS A 83 -14.10 19.69 3.72
N TYR A 84 -13.64 19.53 2.48
CA TYR A 84 -14.26 20.22 1.38
C TYR A 84 -15.63 19.58 1.09
N LEU A 85 -15.80 18.31 1.43
CA LEU A 85 -17.08 17.61 1.23
C LEU A 85 -18.07 17.97 2.37
N ASN A 86 -17.63 18.91 3.20
CA ASN A 86 -18.36 19.47 4.35
C ASN A 86 -18.33 18.62 5.63
N ALA A 87 -17.27 17.84 5.82
CA ALA A 87 -17.14 17.05 7.03
C ALA A 87 -16.12 17.74 7.91
N ASP A 88 -16.26 17.63 9.23
CA ASP A 88 -15.31 18.24 10.14
C ASP A 88 -14.28 17.16 10.46
N VAL A 89 -13.04 17.41 10.10
CA VAL A 89 -11.99 16.44 10.32
C VAL A 89 -10.91 16.99 11.23
N SER A 90 -10.35 16.11 12.04
CA SER A 90 -9.30 16.47 12.95
C SER A 90 -8.29 15.34 12.96
N PHE A 91 -7.01 15.69 12.96
CA PHE A 91 -5.94 14.70 12.98
C PHE A 91 -4.84 15.09 13.97
N VAL A 92 -4.83 14.37 15.10
CA VAL A 92 -3.88 14.60 16.17
C VAL A 92 -3.18 13.29 16.50
N ASN A 93 -1.86 13.31 16.54
CA ASN A 93 -1.08 12.11 16.82
C ASN A 93 -1.46 11.03 15.81
N ASP A 94 -1.86 9.85 16.26
CA ASP A 94 -2.24 8.78 15.34
C ASP A 94 -3.76 8.58 15.32
N GLU A 95 -4.49 9.64 15.65
CA GLU A 95 -5.93 9.59 15.70
C GLU A 95 -6.62 10.63 14.84
N VAL A 96 -7.58 10.16 14.04
CA VAL A 96 -8.36 11.03 13.17
C VAL A 96 -9.81 11.00 13.62
N THR A 97 -10.42 12.17 13.70
CA THR A 97 -11.80 12.27 14.12
C THR A 97 -12.60 12.84 12.95
N VAL A 98 -13.76 12.26 12.67
CA VAL A 98 -14.57 12.75 11.58
C VAL A 98 -16.04 12.94 11.96
N ASP A 99 -16.55 14.15 11.76
CA ASP A 99 -17.95 14.47 12.05
C ASP A 99 -18.58 14.74 10.70
N ALA A 100 -19.32 13.75 10.20
CA ALA A 100 -19.97 13.86 8.91
C ALA A 100 -21.49 13.92 9.03
N THR A 101 -21.97 14.46 10.15
CA THR A 101 -23.41 14.56 10.38
C THR A 101 -24.07 15.69 9.61
N GLY A 102 -23.29 16.63 9.10
CA GLY A 102 -23.85 17.74 8.34
C GLY A 102 -24.29 17.31 6.96
N GLU A 103 -24.70 18.29 6.17
CA GLU A 103 -25.13 18.05 4.80
C GLU A 103 -23.86 17.85 3.98
N ILE A 104 -23.61 16.63 3.52
CA ILE A 104 -22.40 16.34 2.75
C ILE A 104 -22.52 16.64 1.27
N THR A 105 -21.51 17.33 0.73
CA THR A 105 -21.47 17.67 -0.70
C THR A 105 -20.87 16.53 -1.50
N SER A 106 -20.84 16.65 -2.82
CA SER A 106 -20.34 15.56 -3.66
C SER A 106 -19.29 15.88 -4.70
N ASP A 107 -18.60 17.01 -4.57
CA ASP A 107 -17.61 17.37 -5.58
C ASP A 107 -16.19 17.46 -5.01
N ALA A 108 -15.21 16.84 -5.69
CA ALA A 108 -13.77 16.84 -5.31
C ALA A 108 -13.04 17.10 -6.63
N PRO A 109 -13.02 18.36 -7.06
CA PRO A 109 -12.43 18.69 -8.35
C PRO A 109 -11.08 19.37 -8.49
N PHE A 110 -10.42 19.71 -7.40
CA PHE A 110 -9.15 20.40 -7.51
C PHE A 110 -7.99 19.60 -8.06
N GLU A 111 -7.03 20.32 -8.64
CA GLU A 111 -5.84 19.70 -9.20
C GLU A 111 -5.13 18.85 -8.16
N TYR A 112 -5.15 19.26 -6.88
CA TYR A 112 -4.46 18.45 -5.88
C TYR A 112 -5.18 17.10 -5.73
N VAL A 113 -6.44 17.03 -6.15
CA VAL A 113 -7.17 15.77 -6.06
C VAL A 113 -6.60 14.80 -7.10
N ARG A 114 -6.17 15.31 -8.25
CA ARG A 114 -5.60 14.45 -9.29
C ARG A 114 -4.27 13.84 -8.89
N LYS A 115 -3.46 14.63 -8.20
CA LYS A 115 -2.14 14.17 -7.78
C LYS A 115 -2.22 12.95 -6.87
N MET A 116 -3.35 12.77 -6.19
CA MET A 116 -3.48 11.62 -5.31
C MET A 116 -4.34 10.58 -6.03
N ARG A 117 -3.66 9.59 -6.60
CA ARG A 117 -4.33 8.53 -7.35
C ARG A 117 -5.41 7.77 -6.59
N ALA A 118 -5.32 7.76 -5.26
CA ALA A 118 -6.30 7.06 -4.44
C ALA A 118 -7.60 7.84 -4.18
N SER A 119 -7.67 9.09 -4.65
CA SER A 119 -8.87 9.93 -4.43
C SER A 119 -10.19 9.30 -4.86
N ILE A 120 -10.14 8.43 -5.86
CA ILE A 120 -11.35 7.79 -6.36
C ILE A 120 -12.14 7.04 -5.27
N VAL A 121 -11.47 6.67 -4.17
CA VAL A 121 -12.13 5.95 -3.07
C VAL A 121 -13.30 6.68 -2.42
N VAL A 122 -13.47 7.97 -2.65
CA VAL A 122 -14.60 8.68 -2.04
C VAL A 122 -15.88 8.56 -2.85
N MET A 123 -15.80 8.05 -4.09
CA MET A 123 -17.03 7.94 -4.89
C MET A 123 -18.12 7.05 -4.29
N GLY A 124 -17.74 5.85 -3.85
CA GLY A 124 -18.72 4.92 -3.27
C GLY A 124 -19.48 5.55 -2.11
N PRO A 125 -18.75 5.98 -1.09
CA PRO A 125 -19.38 6.60 0.05
C PRO A 125 -20.28 7.78 -0.32
N LEU A 126 -19.85 8.61 -1.26
CA LEU A 126 -20.66 9.76 -1.67
C LEU A 126 -21.91 9.36 -2.39
N LEU A 127 -21.77 8.37 -3.26
CA LEU A 127 -22.88 7.87 -4.04
C LEU A 127 -23.95 7.31 -3.09
N ALA A 128 -23.50 6.59 -2.06
CA ALA A 128 -24.40 6.00 -1.08
C ALA A 128 -25.03 7.04 -0.16
N ARG A 129 -24.18 7.95 0.33
CA ARG A 129 -24.62 9.00 1.24
C ARG A 129 -25.39 10.16 0.61
N THR A 130 -24.98 10.60 -0.58
CA THR A 130 -25.61 11.75 -1.25
C THR A 130 -26.27 11.47 -2.59
N GLY A 131 -25.95 10.35 -3.22
CA GLY A 131 -26.55 10.02 -4.52
C GLY A 131 -25.75 10.49 -5.74
N SER A 132 -24.60 11.11 -5.50
CA SER A 132 -23.74 11.59 -6.58
C SER A 132 -22.30 11.71 -6.12
N ALA A 133 -21.39 11.72 -7.09
CA ALA A 133 -19.97 11.83 -6.79
C ALA A 133 -19.24 12.30 -8.06
N ARG A 134 -18.35 13.27 -7.88
CA ARG A 134 -17.56 13.81 -8.99
C ARG A 134 -16.12 13.95 -8.49
N VAL A 135 -15.20 13.29 -9.18
CA VAL A 135 -13.80 13.33 -8.79
C VAL A 135 -12.88 13.55 -9.98
N ALA A 136 -11.86 14.37 -9.77
CA ALA A 136 -10.90 14.66 -10.80
C ALA A 136 -9.99 13.45 -10.96
N LEU A 137 -9.87 12.96 -12.19
CA LEU A 137 -9.00 11.80 -12.48
C LEU A 137 -7.52 12.15 -12.44
N PRO A 138 -6.69 11.17 -12.07
CA PRO A 138 -5.23 11.34 -11.97
C PRO A 138 -4.46 11.30 -13.28
N GLY A 139 -5.03 10.69 -14.32
CA GLY A 139 -4.34 10.60 -15.60
C GLY A 139 -3.37 9.41 -15.54
N GLY A 140 -2.76 9.07 -16.67
CA GLY A 140 -1.81 7.95 -16.73
C GLY A 140 -2.28 6.89 -17.72
N CYS A 141 -1.35 6.14 -18.30
CA CYS A 141 -1.70 5.11 -19.29
C CYS A 141 -1.26 3.65 -18.98
N ALA A 142 0.04 3.44 -18.80
CA ALA A 142 0.58 2.08 -18.52
C ALA A 142 0.14 1.50 -17.16
N ILE A 143 0.94 0.59 -16.63
CA ILE A 143 0.63 -0.04 -15.33
C ILE A 143 1.24 0.68 -14.11
N GLY A 144 0.89 0.17 -12.94
CA GLY A 144 1.31 0.71 -11.65
C GLY A 144 -0.04 0.96 -11.02
N SER A 145 -1.01 1.13 -11.92
CA SER A 145 -2.40 1.36 -11.60
C SER A 145 -3.19 0.74 -12.75
N ARG A 146 -4.48 0.48 -12.54
CA ARG A 146 -5.28 -0.12 -13.60
C ARG A 146 -6.49 0.76 -13.91
N PRO A 147 -7.17 0.49 -15.04
CA PRO A 147 -8.34 1.28 -15.42
C PRO A 147 -9.36 1.31 -14.28
N VAL A 148 -10.22 2.32 -14.30
CA VAL A 148 -11.24 2.45 -13.26
C VAL A 148 -12.60 2.03 -13.76
N ASP A 149 -12.64 1.31 -14.88
CA ASP A 149 -13.89 0.85 -15.48
C ASP A 149 -14.74 0.03 -14.52
N LEU A 150 -14.12 -0.89 -13.77
CA LEU A 150 -14.88 -1.73 -12.84
C LEU A 150 -15.68 -0.91 -11.84
N HIS A 151 -15.11 0.20 -11.38
CA HIS A 151 -15.79 1.07 -10.44
C HIS A 151 -17.12 1.51 -11.03
N LEU A 152 -17.08 2.01 -12.26
CA LEU A 152 -18.28 2.49 -12.93
C LEU A 152 -19.24 1.38 -13.30
N LYS A 153 -18.71 0.22 -13.67
CA LYS A 153 -19.55 -0.91 -14.02
C LYS A 153 -20.45 -1.23 -12.83
N GLY A 154 -19.84 -1.25 -11.64
CA GLY A 154 -20.54 -1.54 -10.40
C GLY A 154 -21.59 -0.49 -10.08
N PHE A 155 -21.22 0.78 -10.13
CA PHE A 155 -22.21 1.82 -9.82
C PHE A 155 -23.34 1.81 -10.85
N GLU A 156 -23.01 1.52 -12.10
CA GLU A 156 -24.01 1.49 -13.16
C GLU A 156 -25.02 0.39 -12.87
N ALA A 157 -24.53 -0.76 -12.44
CA ALA A 157 -25.39 -1.89 -12.12
C ALA A 157 -26.32 -1.53 -10.97
N MET A 158 -25.86 -0.64 -10.11
CA MET A 158 -26.63 -0.21 -8.96
C MET A 158 -27.59 0.93 -9.26
N GLY A 159 -27.82 1.21 -10.54
CA GLY A 159 -28.73 2.27 -10.97
C GLY A 159 -28.17 3.66 -11.19
N ALA A 160 -26.86 3.79 -11.23
CA ALA A 160 -26.26 5.11 -11.45
C ALA A 160 -25.95 5.42 -12.92
N VAL A 161 -26.00 6.71 -13.26
CA VAL A 161 -25.67 7.20 -14.60
C VAL A 161 -24.24 7.66 -14.38
N VAL A 162 -23.32 7.11 -15.15
CA VAL A 162 -21.90 7.42 -14.99
C VAL A 162 -21.21 7.98 -16.23
N LYS A 163 -19.98 8.45 -16.05
CA LYS A 163 -19.20 8.98 -17.16
C LYS A 163 -17.81 9.46 -16.77
N ILE A 164 -16.94 9.50 -17.78
CA ILE A 164 -15.58 9.97 -17.63
C ILE A 164 -15.54 11.04 -18.70
N GLU A 165 -15.53 12.30 -18.27
CA GLU A 165 -15.53 13.40 -19.21
C GLU A 165 -14.69 14.58 -18.71
N ASN A 166 -13.88 15.13 -19.62
CA ASN A 166 -13.00 16.27 -19.32
C ASN A 166 -12.10 16.07 -18.11
N GLY A 167 -11.55 14.88 -17.96
CA GLY A 167 -10.67 14.59 -16.84
C GLY A 167 -11.42 14.35 -15.53
N TYR A 168 -12.73 14.13 -15.64
CA TYR A 168 -13.56 13.89 -14.47
C TYR A 168 -14.36 12.60 -14.55
N ILE A 169 -14.46 11.91 -13.41
CA ILE A 169 -15.21 10.67 -13.31
C ILE A 169 -16.42 11.06 -12.46
N GLU A 170 -17.62 10.77 -12.94
N GLU A 170 -17.61 10.79 -12.96
CA GLU A 170 -18.83 11.13 -12.22
CA GLU A 170 -18.82 11.13 -12.22
C GLU A 170 -19.86 9.99 -12.17
C GLU A 170 -19.83 9.99 -12.17
N ALA A 171 -20.70 10.05 -11.17
CA ALA A 171 -21.74 9.04 -10.97
C ALA A 171 -22.91 9.69 -10.24
N THR A 172 -24.11 9.47 -10.74
CA THR A 172 -25.31 10.02 -10.14
C THR A 172 -26.39 8.92 -10.13
N ALA A 173 -27.09 8.78 -9.00
CA ALA A 173 -28.13 7.76 -8.87
C ALA A 173 -29.41 8.29 -8.23
N GLU A 174 -30.53 8.26 -8.95
CA GLU A 174 -31.79 8.74 -8.36
C GLU A 174 -32.16 7.80 -7.23
N LYS A 175 -31.97 6.50 -7.47
CA LYS A 175 -32.28 5.49 -6.48
C LYS A 175 -31.22 4.39 -6.54
N LEU A 176 -30.23 4.48 -5.66
CA LEU A 176 -29.17 3.51 -5.62
C LEU A 176 -29.80 2.21 -5.13
N VAL A 177 -29.74 1.16 -5.94
CA VAL A 177 -30.33 -0.14 -5.57
C VAL A 177 -29.31 -1.28 -5.57
N GLY A 178 -29.69 -2.38 -4.96
CA GLY A 178 -28.80 -3.54 -4.90
C GLY A 178 -28.78 -4.25 -6.24
N ALA A 179 -27.66 -4.88 -6.54
CA ALA A 179 -27.52 -5.58 -7.80
C ALA A 179 -26.39 -6.58 -7.77
N LYS A 180 -26.40 -7.50 -8.72
CA LYS A 180 -25.36 -8.52 -8.84
C LYS A 180 -24.28 -7.94 -9.73
N VAL A 181 -23.04 -7.99 -9.27
CA VAL A 181 -21.94 -7.46 -10.04
C VAL A 181 -20.79 -8.45 -10.10
N TYR A 182 -20.27 -8.67 -11.30
CA TYR A 182 -19.13 -9.57 -11.49
C TYR A 182 -17.92 -8.73 -11.91
N LEU A 183 -16.84 -8.81 -11.12
CA LEU A 183 -15.64 -8.06 -11.43
C LEU A 183 -14.72 -8.88 -12.36
N ASP A 184 -14.29 -8.27 -13.47
CA ASP A 184 -13.42 -8.94 -14.43
C ASP A 184 -12.15 -9.45 -13.76
N PHE A 185 -11.63 -8.68 -12.80
CA PHE A 185 -10.44 -9.08 -12.05
C PHE A 185 -10.67 -8.61 -10.61
N PRO A 186 -10.03 -9.26 -9.62
CA PRO A 186 -10.21 -8.91 -8.20
C PRO A 186 -9.60 -7.56 -7.79
N SER A 187 -10.20 -6.48 -8.25
CA SER A 187 -9.73 -5.13 -7.96
C SER A 187 -9.98 -4.65 -6.54
N VAL A 188 -8.92 -4.25 -5.86
CA VAL A 188 -9.04 -3.75 -4.51
C VAL A 188 -9.90 -2.48 -4.51
N GLY A 189 -9.55 -1.55 -5.39
CA GLY A 189 -10.26 -0.28 -5.49
C GLY A 189 -11.73 -0.45 -5.82
N ALA A 190 -12.01 -1.27 -6.82
CA ALA A 190 -13.40 -1.51 -7.22
C ALA A 190 -14.18 -2.20 -6.11
N THR A 191 -13.57 -3.19 -5.48
CA THR A 191 -14.21 -3.92 -4.39
C THR A 191 -14.62 -2.93 -3.31
N GLN A 192 -13.68 -2.07 -2.92
CA GLN A 192 -13.91 -1.04 -1.89
C GLN A 192 -15.07 -0.09 -2.25
N ASN A 193 -15.01 0.54 -3.42
CA ASN A 193 -16.09 1.45 -3.82
C ASN A 193 -17.46 0.85 -3.92
N ILE A 194 -17.56 -0.30 -4.56
CA ILE A 194 -18.84 -0.96 -4.72
C ILE A 194 -19.40 -1.40 -3.38
N MET A 195 -18.54 -1.93 -2.52
CA MET A 195 -18.97 -2.38 -1.20
C MET A 195 -19.47 -1.21 -0.38
N MET A 196 -18.74 -0.09 -0.39
CA MET A 196 -19.17 1.07 0.37
C MET A 196 -20.49 1.65 -0.17
N ALA A 197 -20.61 1.70 -1.49
CA ALA A 197 -21.83 2.23 -2.09
C ALA A 197 -23.05 1.38 -1.73
N ALA A 198 -22.85 0.07 -1.65
CA ALA A 198 -23.92 -0.87 -1.34
C ALA A 198 -24.53 -0.74 0.05
N THR A 199 -23.76 -0.24 1.00
CA THR A 199 -24.21 -0.09 2.39
C THR A 199 -25.52 0.67 2.57
N LEU A 200 -25.73 1.71 1.78
CA LEU A 200 -26.97 2.49 1.88
C LEU A 200 -27.90 2.33 0.69
N ALA A 201 -27.58 1.39 -0.21
CA ALA A 201 -28.43 1.16 -1.37
C ALA A 201 -29.67 0.41 -0.93
N GLU A 202 -30.75 0.57 -1.69
CA GLU A 202 -32.00 -0.11 -1.37
C GLU A 202 -31.94 -1.50 -1.98
N GLY A 203 -31.90 -2.51 -1.12
CA GLY A 203 -31.82 -3.90 -1.58
C GLY A 203 -30.46 -4.52 -1.28
N THR A 204 -30.23 -5.72 -1.81
CA THR A 204 -28.98 -6.43 -1.60
C THR A 204 -28.04 -6.45 -2.81
N THR A 205 -26.74 -6.34 -2.54
CA THR A 205 -25.71 -6.35 -3.58
C THR A 205 -24.84 -7.58 -3.43
N VAL A 206 -24.56 -8.24 -4.54
CA VAL A 206 -23.71 -9.42 -4.55
C VAL A 206 -22.54 -9.12 -5.48
N ILE A 207 -21.35 -9.01 -4.93
CA ILE A 207 -20.18 -8.70 -5.72
C ILE A 207 -19.34 -9.95 -5.85
N GLU A 208 -19.17 -10.43 -7.08
CA GLU A 208 -18.39 -11.63 -7.34
C GLU A 208 -16.98 -11.35 -7.84
N ASN A 209 -16.06 -12.24 -7.47
CA ASN A 209 -14.65 -12.17 -7.84
C ASN A 209 -13.99 -10.90 -7.27
N VAL A 210 -14.25 -10.64 -6.00
CA VAL A 210 -13.70 -9.48 -5.33
C VAL A 210 -12.32 -9.72 -4.75
N ALA A 211 -11.64 -8.62 -4.42
CA ALA A 211 -10.32 -8.69 -3.82
C ALA A 211 -10.54 -9.26 -2.42
N ARG A 212 -9.60 -10.08 -1.98
CA ARG A 212 -9.69 -10.72 -0.69
C ARG A 212 -8.65 -10.19 0.30
N GLU A 213 -7.88 -9.18 -0.11
CA GLU A 213 -6.86 -8.59 0.74
C GLU A 213 -7.38 -8.20 2.12
N PRO A 214 -6.50 -8.29 3.13
CA PRO A 214 -6.80 -7.96 4.52
C PRO A 214 -7.42 -6.58 4.68
N GLU A 215 -7.01 -5.64 3.85
CA GLU A 215 -7.55 -4.28 3.93
C GLU A 215 -9.05 -4.30 3.62
N ILE A 216 -9.47 -5.22 2.75
CA ILE A 216 -10.89 -5.33 2.39
C ILE A 216 -11.68 -5.86 3.59
N VAL A 217 -11.09 -6.84 4.29
CA VAL A 217 -11.72 -7.42 5.46
C VAL A 217 -11.83 -6.39 6.57
N ASP A 218 -10.78 -5.61 6.78
CA ASP A 218 -10.81 -4.61 7.83
C ASP A 218 -11.90 -3.58 7.52
N LEU A 219 -12.00 -3.17 6.26
CA LEU A 219 -13.01 -2.19 5.86
C LEU A 219 -14.41 -2.76 6.06
N ALA A 220 -14.58 -4.04 5.75
CA ALA A 220 -15.87 -4.71 5.92
C ALA A 220 -16.24 -4.68 7.40
N ASN A 221 -15.27 -5.00 8.27
CA ASN A 221 -15.51 -4.97 9.71
C ASN A 221 -15.98 -3.58 10.15
N PHE A 222 -15.33 -2.55 9.62
CA PHE A 222 -15.69 -1.17 9.96
C PHE A 222 -17.09 -0.80 9.51
N LEU A 223 -17.48 -1.24 8.31
CA LEU A 223 -18.82 -0.93 7.82
C LEU A 223 -19.84 -1.61 8.75
N ASN A 224 -19.51 -2.83 9.18
CA ASN A 224 -20.38 -3.57 10.09
C ASN A 224 -20.51 -2.91 11.44
N GLN A 225 -19.42 -2.37 11.97
CA GLN A 225 -19.44 -1.70 13.26
C GLN A 225 -20.33 -0.45 13.21
N MET A 226 -20.49 0.12 12.01
CA MET A 226 -21.32 1.31 11.83
C MET A 226 -22.80 0.99 11.58
N GLY A 227 -23.15 -0.29 11.52
CA GLY A 227 -24.54 -0.68 11.30
C GLY A 227 -24.84 -1.24 9.91
N ALA A 228 -23.81 -1.49 9.12
CA ALA A 228 -24.00 -2.04 7.80
C ALA A 228 -24.14 -3.57 7.94
N ARG A 229 -24.47 -4.24 6.84
CA ARG A 229 -24.63 -5.69 6.86
C ARG A 229 -23.84 -6.22 5.68
N VAL A 230 -22.58 -6.50 5.95
CA VAL A 230 -21.65 -6.99 4.96
C VAL A 230 -21.04 -8.30 5.38
N ILE A 231 -21.21 -9.34 4.58
CA ILE A 231 -20.63 -10.63 4.90
C ILE A 231 -19.84 -11.13 3.71
N GLY A 232 -18.93 -12.06 3.96
CA GLY A 232 -18.10 -12.65 2.91
C GLY A 232 -16.75 -12.01 2.64
N ALA A 233 -16.46 -10.87 3.27
CA ALA A 233 -15.16 -10.21 3.05
C ALA A 233 -14.05 -11.21 3.34
N GLY A 234 -13.11 -11.34 2.43
CA GLY A 234 -12.01 -12.29 2.62
C GLY A 234 -12.22 -13.49 1.72
N THR A 235 -13.45 -13.65 1.23
CA THR A 235 -13.79 -14.76 0.33
C THR A 235 -13.93 -14.12 -1.04
N GLU A 236 -14.25 -14.92 -2.06
CA GLU A 236 -14.40 -14.41 -3.40
C GLU A 236 -15.75 -13.75 -3.64
N VAL A 237 -16.62 -13.78 -2.64
CA VAL A 237 -17.95 -13.18 -2.77
C VAL A 237 -18.38 -12.39 -1.56
N ILE A 238 -18.79 -11.15 -1.81
CA ILE A 238 -19.27 -10.26 -0.78
C ILE A 238 -20.72 -9.93 -1.03
N ARG A 239 -21.52 -10.01 0.03
N ARG A 239 -21.52 -10.01 0.03
CA ARG A 239 -22.94 -9.71 -0.05
CA ARG A 239 -22.94 -9.72 -0.04
C ARG A 239 -23.22 -8.58 0.92
C ARG A 239 -23.22 -8.57 0.93
N ILE A 240 -23.95 -7.57 0.46
CA ILE A 240 -24.28 -6.43 1.28
C ILE A 240 -25.77 -6.18 1.28
N GLU A 241 -26.37 -6.15 2.46
CA GLU A 241 -27.79 -5.88 2.54
C GLU A 241 -27.87 -4.40 2.97
N GLY A 242 -28.26 -3.55 2.02
CA GLY A 242 -28.36 -2.12 2.27
C GLY A 242 -29.27 -1.75 3.43
N VAL A 243 -28.90 -0.70 4.16
CA VAL A 243 -29.68 -0.21 5.29
C VAL A 243 -29.95 1.28 5.11
N LYS A 244 -30.89 1.82 5.89
CA LYS A 244 -31.24 3.22 5.78
C LYS A 244 -30.14 4.17 6.22
N GLU A 245 -29.51 3.89 7.36
CA GLU A 245 -28.46 4.78 7.85
C GLU A 245 -27.38 4.09 8.66
N LEU A 246 -26.20 4.71 8.65
CA LEU A 246 -25.06 4.20 9.40
C LEU A 246 -24.69 5.20 10.49
N THR A 247 -24.19 4.66 11.60
CA THR A 247 -23.80 5.47 12.75
C THR A 247 -22.30 5.36 13.04
N ALA A 248 -21.71 6.47 13.46
CA ALA A 248 -20.28 6.53 13.75
C ALA A 248 -19.84 5.57 14.85
N THR A 249 -18.56 5.23 14.83
CA THR A 249 -17.98 4.31 15.82
C THR A 249 -16.48 4.54 15.89
N GLU A 250 -15.79 3.69 16.64
CA GLU A 250 -14.35 3.79 16.79
C GLU A 250 -13.72 2.62 16.04
N HIS A 251 -12.53 2.84 15.46
CA HIS A 251 -11.86 1.78 14.73
C HIS A 251 -10.37 2.01 14.63
N SER A 252 -9.60 0.93 14.75
CA SER A 252 -8.15 1.01 14.67
C SER A 252 -7.72 0.45 13.32
N ILE A 253 -6.81 1.15 12.66
CA ILE A 253 -6.31 0.72 11.36
C ILE A 253 -5.36 -0.46 11.56
N ILE A 254 -5.55 -1.51 10.78
CA ILE A 254 -4.72 -2.69 10.89
C ILE A 254 -3.27 -2.38 10.54
N PRO A 255 -2.34 -3.14 11.11
CA PRO A 255 -0.92 -2.94 10.84
C PRO A 255 -0.61 -3.13 9.35
N ASP A 256 0.43 -2.45 8.88
CA ASP A 256 0.85 -2.52 7.49
C ASP A 256 1.65 -3.80 7.25
N ARG A 257 1.00 -4.79 6.65
CA ARG A 257 1.61 -6.08 6.36
C ARG A 257 2.76 -5.96 5.37
N ILE A 258 2.70 -4.96 4.49
CA ILE A 258 3.77 -4.80 3.52
C ILE A 258 5.04 -4.29 4.19
N GLU A 259 4.89 -3.31 5.08
CA GLU A 259 6.02 -2.77 5.81
C GLU A 259 6.63 -3.92 6.60
N ALA A 260 5.78 -4.79 7.13
CA ALA A 260 6.25 -5.94 7.89
C ALA A 260 7.12 -6.79 6.98
N GLY A 261 6.67 -6.98 5.74
CA GLY A 261 7.42 -7.78 4.77
C GLY A 261 8.78 -7.16 4.44
N THR A 262 8.81 -5.84 4.33
CA THR A 262 10.05 -5.12 4.03
C THR A 262 11.13 -5.40 5.07
N PHE A 263 10.77 -5.30 6.35
CA PHE A 263 11.75 -5.56 7.41
C PHE A 263 12.09 -7.05 7.53
N MET A 264 11.16 -7.91 7.11
CA MET A 264 11.41 -9.35 7.16
C MET A 264 12.53 -9.65 6.16
N ILE A 265 12.39 -9.12 4.96
CA ILE A 265 13.41 -9.34 3.94
C ILE A 265 14.75 -8.72 4.35
N ALA A 266 14.70 -7.56 4.98
CA ALA A 266 15.92 -6.88 5.43
C ALA A 266 16.67 -7.76 6.41
N ALA A 267 15.92 -8.40 7.30
CA ALA A 267 16.53 -9.27 8.30
C ALA A 267 17.04 -10.52 7.62
N ALA A 268 16.25 -11.02 6.68
CA ALA A 268 16.61 -12.24 5.96
C ALA A 268 17.87 -12.11 5.11
N ILE A 269 18.05 -10.98 4.44
CA ILE A 269 19.22 -10.81 3.59
C ILE A 269 20.49 -10.41 4.30
N THR A 270 20.39 -9.88 5.51
CA THR A 270 21.57 -9.46 6.27
C THR A 270 22.02 -10.48 7.32
N GLY A 271 21.43 -11.68 7.29
CA GLY A 271 21.77 -12.71 8.26
C GLY A 271 21.43 -12.20 9.64
N GLY A 272 20.34 -11.43 9.72
CA GLY A 272 19.90 -10.84 10.97
C GLY A 272 18.92 -11.62 11.82
N ASN A 273 18.50 -10.97 12.89
CA ASN A 273 17.55 -11.51 13.85
C ASN A 273 16.74 -10.31 14.30
N VAL A 274 15.61 -10.09 13.63
CA VAL A 274 14.76 -8.96 13.94
C VAL A 274 13.39 -9.39 14.41
N LEU A 275 12.84 -8.65 15.36
CA LEU A 275 11.50 -8.92 15.89
C LEU A 275 10.55 -7.88 15.31
N ILE A 276 9.63 -8.32 14.47
CA ILE A 276 8.67 -7.39 13.87
C ILE A 276 7.45 -7.37 14.77
N GLU A 277 7.29 -6.28 15.52
CA GLU A 277 6.17 -6.12 16.44
C GLU A 277 4.90 -5.65 15.77
N ASP A 278 3.77 -6.10 16.32
CA ASP A 278 2.45 -5.73 15.81
C ASP A 278 2.28 -6.15 14.34
N ALA A 279 2.59 -7.41 14.04
CA ALA A 279 2.46 -7.93 12.69
C ALA A 279 1.57 -9.18 12.71
N VAL A 280 0.65 -9.24 11.75
CA VAL A 280 -0.27 -10.37 11.66
C VAL A 280 0.20 -11.40 10.63
N PRO A 281 0.82 -12.49 11.09
CA PRO A 281 1.32 -13.55 10.22
C PRO A 281 0.28 -14.06 9.24
N GLU A 282 -0.98 -14.11 9.65
CA GLU A 282 -2.02 -14.60 8.75
C GLU A 282 -2.13 -13.72 7.51
N HIS A 283 -1.84 -12.42 7.62
CA HIS A 283 -1.96 -11.54 6.46
C HIS A 283 -0.81 -11.67 5.44
N ILE A 284 0.26 -12.37 5.80
CA ILE A 284 1.39 -12.53 4.88
C ILE A 284 1.89 -13.97 4.80
N SER A 285 0.98 -14.92 4.80
N SER A 285 0.98 -14.94 4.83
CA SER A 285 1.31 -16.33 4.73
CA SER A 285 1.37 -16.35 4.75
C SER A 285 2.16 -16.66 3.50
C SER A 285 2.18 -16.66 3.49
N SER A 286 1.71 -16.20 2.33
CA SER A 286 2.42 -16.46 1.08
C SER A 286 3.88 -16.03 1.16
N LEU A 287 4.11 -14.82 1.64
CA LEU A 287 5.47 -14.31 1.77
C LEU A 287 6.26 -15.20 2.73
N ILE A 288 5.69 -15.45 3.90
CA ILE A 288 6.34 -16.29 4.91
C ILE A 288 6.72 -17.65 4.33
N ALA A 289 5.76 -18.32 3.74
CA ALA A 289 5.99 -19.62 3.14
C ALA A 289 7.07 -19.55 2.08
N LYS A 290 7.11 -18.44 1.35
CA LYS A 290 8.09 -18.32 0.29
C LYS A 290 9.50 -18.10 0.86
N LEU A 291 9.61 -17.28 1.91
CA LEU A 291 10.90 -17.02 2.55
C LEU A 291 11.44 -18.29 3.18
N GLU A 292 10.56 -19.08 3.80
CA GLU A 292 10.97 -20.32 4.43
C GLU A 292 11.58 -21.28 3.41
N GLU A 293 11.06 -21.29 2.18
CA GLU A 293 11.60 -22.18 1.14
C GLU A 293 13.04 -21.78 0.82
N MET A 294 13.37 -20.51 1.08
CA MET A 294 14.71 -20.03 0.81
C MET A 294 15.67 -20.32 1.97
N GLY A 295 15.12 -20.79 3.09
CA GLY A 295 15.93 -21.12 4.26
C GLY A 295 15.82 -20.17 5.44
N VAL A 296 14.96 -19.17 5.32
CA VAL A 296 14.77 -18.19 6.38
C VAL A 296 13.89 -18.76 7.50
N GLN A 297 14.25 -18.49 8.76
CA GLN A 297 13.45 -18.96 9.89
C GLN A 297 12.48 -17.85 10.29
N ILE A 298 11.19 -18.21 10.37
CA ILE A 298 10.17 -17.25 10.74
C ILE A 298 9.46 -17.79 11.96
N ILE A 299 9.49 -17.02 13.04
CA ILE A 299 8.86 -17.45 14.28
C ILE A 299 7.75 -16.55 14.76
N GLU A 300 6.63 -17.14 15.14
CA GLU A 300 5.50 -16.38 15.65
C GLU A 300 5.65 -16.34 17.16
N GLU A 301 6.43 -15.38 17.67
CA GLU A 301 6.66 -15.24 19.10
C GLU A 301 5.37 -14.82 19.82
N GLY A 304 4.40 -9.64 16.27
CA GLY A 304 5.18 -10.61 17.04
C GLY A 304 5.85 -11.66 16.17
N ILE A 305 6.36 -11.25 15.01
CA ILE A 305 7.02 -12.16 14.09
C ILE A 305 8.52 -11.95 14.12
N ARG A 306 9.27 -12.99 14.47
CA ARG A 306 10.71 -12.89 14.52
C ARG A 306 11.29 -13.51 13.27
N VAL A 307 12.27 -12.82 12.66
CA VAL A 307 12.90 -13.32 11.45
C VAL A 307 14.40 -13.49 11.63
N ILE A 308 14.89 -14.68 11.32
CA ILE A 308 16.31 -14.98 11.43
C ILE A 308 16.82 -15.38 10.05
N GLY A 309 17.79 -14.63 9.53
CA GLY A 309 18.35 -14.89 8.22
C GLY A 309 19.44 -15.93 8.25
N PRO A 310 19.53 -16.75 7.20
CA PRO A 310 20.54 -17.81 7.10
C PRO A 310 21.79 -17.33 6.38
N ASP A 311 22.83 -18.15 6.38
CA ASP A 311 24.07 -17.81 5.71
C ASP A 311 23.85 -17.82 4.20
N LYS A 312 23.22 -18.89 3.70
CA LYS A 312 22.93 -19.02 2.27
C LYS A 312 21.44 -19.08 1.99
N LEU A 313 21.04 -18.50 0.87
CA LEU A 313 19.65 -18.47 0.44
C LEU A 313 19.44 -19.42 -0.73
N LYS A 314 18.43 -20.28 -0.62
CA LYS A 314 18.13 -21.21 -1.69
C LYS A 314 17.27 -20.50 -2.74
N ALA A 315 17.62 -20.67 -4.01
CA ALA A 315 16.89 -20.04 -5.12
C ALA A 315 15.46 -20.56 -5.18
N VAL A 316 14.52 -19.68 -5.51
CA VAL A 316 13.11 -20.03 -5.60
C VAL A 316 12.35 -19.12 -6.57
N ASP A 317 11.42 -19.70 -7.31
CA ASP A 317 10.61 -18.94 -8.26
C ASP A 317 9.41 -18.34 -7.53
N VAL A 318 9.03 -17.13 -7.92
CA VAL A 318 7.91 -16.45 -7.31
C VAL A 318 6.95 -15.91 -8.35
N LYS A 319 5.65 -16.03 -8.10
CA LYS A 319 4.64 -15.54 -9.02
C LYS A 319 3.60 -14.73 -8.23
N THR A 320 3.42 -13.47 -8.57
CA THR A 320 2.44 -12.66 -7.85
C THR A 320 1.02 -13.11 -8.21
N MET A 321 0.14 -13.09 -7.23
CA MET A 321 -1.24 -13.48 -7.41
C MET A 321 -2.11 -12.64 -6.50
N PRO A 322 -3.40 -12.54 -6.82
CA PRO A 322 -4.28 -11.78 -5.95
C PRO A 322 -4.28 -12.47 -4.58
N HIS A 323 -4.50 -11.71 -3.52
CA HIS A 323 -4.49 -12.29 -2.19
C HIS A 323 -5.50 -13.45 -2.16
N PRO A 324 -5.19 -14.52 -1.38
CA PRO A 324 -4.03 -14.75 -0.52
C PRO A 324 -2.73 -15.16 -1.20
N GLY A 325 -2.65 -15.03 -2.51
CA GLY A 325 -1.42 -15.40 -3.24
C GLY A 325 -0.28 -14.45 -2.88
N PHE A 326 0.88 -14.63 -3.52
CA PHE A 326 2.03 -13.77 -3.22
C PHE A 326 1.67 -12.35 -3.63
N PRO A 327 1.84 -11.39 -2.71
CA PRO A 327 1.51 -9.99 -2.99
C PRO A 327 2.42 -9.23 -3.95
N THR A 328 1.80 -8.48 -4.84
CA THR A 328 2.53 -7.69 -5.81
C THR A 328 3.33 -6.59 -5.13
N ASP A 329 2.86 -6.10 -3.98
CA ASP A 329 3.59 -5.05 -3.26
C ASP A 329 4.91 -5.52 -2.65
N MET A 330 5.15 -6.82 -2.63
CA MET A 330 6.42 -7.33 -2.10
C MET A 330 7.32 -7.75 -3.26
N GLN A 331 6.79 -7.67 -4.48
CA GLN A 331 7.55 -8.07 -5.66
C GLN A 331 8.94 -7.45 -5.85
N SER A 332 9.03 -6.13 -5.93
CA SER A 332 10.34 -5.50 -6.11
C SER A 332 11.34 -5.87 -5.01
N GLN A 333 10.86 -5.90 -3.77
CA GLN A 333 11.70 -6.24 -2.62
C GLN A 333 12.10 -7.71 -2.63
N MET A 334 11.18 -8.58 -3.05
CA MET A 334 11.45 -10.00 -3.09
C MET A 334 12.57 -10.25 -4.11
N MET A 335 12.61 -9.47 -5.18
CA MET A 335 13.66 -9.64 -6.17
C MET A 335 15.06 -9.46 -5.58
N VAL A 336 15.17 -8.66 -4.54
CA VAL A 336 16.47 -8.43 -3.92
C VAL A 336 17.00 -9.71 -3.30
N ILE A 337 16.15 -10.40 -2.54
CA ILE A 337 16.56 -11.64 -1.90
C ILE A 337 16.80 -12.71 -2.99
N GLN A 338 16.04 -12.66 -4.08
CA GLN A 338 16.24 -13.62 -5.18
C GLN A 338 17.61 -13.46 -5.82
N MET A 339 18.10 -12.21 -5.93
CA MET A 339 19.41 -11.95 -6.54
C MET A 339 20.55 -12.52 -5.73
N LEU A 340 20.36 -12.57 -4.41
CA LEU A 340 21.39 -13.09 -3.52
C LEU A 340 21.33 -14.60 -3.33
N SER A 341 20.31 -15.25 -3.89
CA SER A 341 20.20 -16.70 -3.73
C SER A 341 21.20 -17.45 -4.60
N GLU A 342 21.54 -18.66 -4.19
N GLU A 342 21.50 -18.68 -4.19
CA GLU A 342 22.50 -19.50 -4.92
CA GLU A 342 22.45 -19.53 -4.89
C GLU A 342 21.89 -20.16 -6.15
C GLU A 342 21.85 -20.17 -6.15
N GLY A 343 21.78 -19.41 -7.25
CA GLY A 343 21.23 -19.93 -8.49
C GLY A 343 20.22 -19.03 -9.18
N THR A 344 19.82 -19.44 -10.38
CA THR A 344 18.85 -18.70 -11.18
C THR A 344 17.44 -18.87 -10.64
N SER A 345 16.64 -17.83 -10.74
CA SER A 345 15.26 -17.90 -10.28
C SER A 345 14.44 -16.99 -11.16
N ILE A 346 13.12 -17.00 -10.98
N ILE A 346 13.12 -17.01 -10.97
CA ILE A 346 12.25 -16.16 -11.78
CA ILE A 346 12.23 -16.20 -11.77
C ILE A 346 11.14 -15.52 -10.98
C ILE A 346 11.13 -15.53 -10.96
N MET A 347 10.86 -14.27 -11.31
CA MET A 347 9.82 -13.49 -10.66
C MET A 347 8.80 -13.19 -11.74
N THR A 348 7.54 -13.50 -11.49
CA THR A 348 6.48 -13.26 -12.46
C THR A 348 5.31 -12.47 -11.86
N GLU A 349 4.81 -11.52 -12.64
CA GLU A 349 3.66 -10.69 -12.26
C GLU A 349 2.43 -11.09 -13.04
N THR A 350 1.33 -11.26 -12.31
CA THR A 350 0.06 -11.60 -12.94
C THR A 350 -0.92 -10.48 -12.54
N VAL A 351 -0.52 -9.63 -11.60
CA VAL A 351 -1.37 -8.53 -11.13
C VAL A 351 -1.04 -7.25 -11.90
N PHE A 352 0.23 -6.82 -11.85
CA PHE A 352 0.70 -5.63 -12.57
C PHE A 352 1.89 -6.09 -13.41
N GLU A 353 1.60 -6.55 -14.63
CA GLU A 353 2.61 -7.07 -15.55
C GLU A 353 3.73 -6.14 -16.02
N ASN A 354 3.59 -4.84 -15.76
CA ASN A 354 4.60 -3.88 -16.17
C ASN A 354 5.38 -3.34 -14.99
N ARG A 355 5.10 -3.84 -13.79
CA ARG A 355 5.82 -3.33 -12.62
C ARG A 355 7.27 -3.82 -12.46
N PHE A 356 8.12 -3.44 -13.41
CA PHE A 356 9.54 -3.82 -13.36
C PHE A 356 10.47 -2.64 -13.69
N MET A 357 10.02 -1.42 -13.44
CA MET A 357 10.83 -0.23 -13.72
C MET A 357 12.07 -0.13 -12.86
N HIS A 358 12.09 -0.90 -11.77
CA HIS A 358 13.23 -0.88 -10.86
C HIS A 358 14.38 -1.79 -11.30
N VAL A 359 14.14 -2.65 -12.30
CA VAL A 359 15.17 -3.55 -12.77
C VAL A 359 16.41 -2.82 -13.30
N GLU A 360 16.22 -1.75 -14.05
CA GLU A 360 17.37 -1.02 -14.59
C GLU A 360 18.21 -0.40 -13.47
N GLU A 361 17.58 -0.03 -12.37
CA GLU A 361 18.30 0.58 -11.25
C GLU A 361 19.10 -0.50 -10.51
N MET A 362 18.53 -1.69 -10.37
CA MET A 362 19.25 -2.76 -9.68
C MET A 362 20.47 -3.19 -10.48
N ARG A 363 20.42 -3.05 -11.80
CA ARG A 363 21.56 -3.39 -12.65
C ARG A 363 22.73 -2.50 -12.31
N ARG A 364 22.47 -1.21 -12.09
N ARG A 364 22.47 -1.21 -12.09
CA ARG A 364 23.52 -0.27 -11.75
CA ARG A 364 23.52 -0.27 -11.75
C ARG A 364 24.28 -0.79 -10.54
C ARG A 364 24.29 -0.78 -10.54
N MET A 365 23.61 -1.57 -9.71
CA MET A 365 24.23 -2.14 -8.52
C MET A 365 24.88 -3.50 -8.80
N ASN A 366 25.08 -3.79 -10.09
CA ASN A 366 25.72 -5.01 -10.56
C ASN A 366 24.76 -6.22 -10.62
N ALA A 367 23.46 -5.98 -10.57
CA ALA A 367 22.50 -7.08 -10.63
C ALA A 367 22.49 -7.64 -12.05
N ASP A 368 22.17 -8.92 -12.19
CA ASP A 368 22.13 -9.55 -13.50
C ASP A 368 20.69 -10.07 -13.69
N MET A 369 19.90 -9.32 -14.45
CA MET A 369 18.49 -9.65 -14.68
C MET A 369 18.04 -9.38 -16.12
N LYS A 370 17.03 -10.12 -16.56
CA LYS A 370 16.47 -9.97 -17.91
C LYS A 370 14.96 -9.94 -17.88
N ILE A 371 14.37 -8.91 -18.46
CA ILE A 371 12.92 -8.76 -18.51
C ILE A 371 12.42 -9.53 -19.72
N GLU A 372 11.49 -10.45 -19.52
CA GLU A 372 10.96 -11.22 -20.64
C GLU A 372 9.46 -11.44 -20.41
N GLY A 373 8.65 -10.77 -21.21
CA GLY A 373 7.19 -10.88 -21.09
C GLY A 373 6.80 -10.14 -19.84
N HIS A 374 6.24 -10.85 -18.87
CA HIS A 374 5.85 -10.26 -17.60
C HIS A 374 6.58 -10.99 -16.48
N SER A 375 7.80 -11.42 -16.82
CA SER A 375 8.68 -12.12 -15.89
C SER A 375 10.08 -11.55 -16.00
N VAL A 376 10.85 -11.74 -14.94
CA VAL A 376 12.23 -11.29 -14.93
C VAL A 376 13.10 -12.48 -14.54
N ILE A 377 14.06 -12.84 -15.39
CA ILE A 377 14.96 -13.96 -15.12
C ILE A 377 16.11 -13.40 -14.30
N ILE A 378 16.25 -13.88 -13.08
CA ILE A 378 17.28 -13.41 -12.18
C ILE A 378 18.45 -14.39 -12.04
N SER A 379 19.65 -13.94 -12.38
CA SER A 379 20.82 -14.80 -12.30
C SER A 379 21.62 -14.56 -11.03
N GLY A 380 21.35 -15.33 -9.99
CA GLY A 380 22.06 -15.20 -8.71
C GLY A 380 23.12 -16.26 -8.54
N PRO A 381 24.00 -16.10 -7.53
CA PRO A 381 24.07 -15.01 -6.57
C PRO A 381 24.83 -13.81 -7.13
N ALA A 382 24.28 -12.62 -6.92
CA ALA A 382 24.92 -11.42 -7.43
C ALA A 382 25.74 -10.71 -6.36
N LYS A 383 26.90 -10.20 -6.76
CA LYS A 383 27.76 -9.46 -5.85
C LYS A 383 27.45 -7.98 -6.06
N LEU A 384 26.40 -7.53 -5.40
CA LEU A 384 25.93 -6.15 -5.50
C LEU A 384 26.99 -5.12 -5.15
N GLN A 385 26.98 -4.03 -5.93
CA GLN A 385 27.92 -2.93 -5.75
C GLN A 385 27.16 -1.65 -5.50
N GLY A 386 27.71 -0.79 -4.64
CA GLY A 386 27.08 0.49 -4.31
C GLY A 386 27.07 1.41 -5.51
N ALA A 387 25.97 2.12 -5.72
CA ALA A 387 25.84 3.04 -6.84
C ALA A 387 24.77 4.07 -6.55
N GLU A 388 24.63 5.03 -7.48
CA GLU A 388 23.63 6.07 -7.34
C GLU A 388 22.40 5.55 -8.06
N VAL A 389 21.34 5.30 -7.30
CA VAL A 389 20.11 4.79 -7.85
C VAL A 389 18.93 5.69 -7.54
N ALA A 390 17.99 5.72 -8.48
CA ALA A 390 16.79 6.53 -8.35
C ALA A 390 15.56 5.66 -8.14
N ALA A 391 14.85 5.90 -7.05
CA ALA A 391 13.65 5.14 -6.76
C ALA A 391 12.66 5.43 -7.89
N THR A 392 11.88 4.43 -8.26
CA THR A 392 10.90 4.58 -9.33
C THR A 392 9.46 4.55 -8.79
N ASP A 393 9.30 4.12 -7.56
CA ASP A 393 7.99 4.04 -6.94
C ASP A 393 8.16 3.63 -5.49
N LEU A 394 7.09 3.72 -4.72
CA LEU A 394 7.10 3.38 -3.29
C LEU A 394 7.86 2.13 -2.88
N ARG A 395 7.39 0.97 -3.30
CA ARG A 395 8.02 -0.31 -2.93
C ARG A 395 9.41 -0.45 -3.53
N ALA A 396 9.63 0.16 -4.69
CA ALA A 396 10.94 0.10 -5.33
C ALA A 396 11.96 0.89 -4.49
N ALA A 397 11.52 2.01 -3.93
CA ALA A 397 12.39 2.84 -3.10
C ALA A 397 12.98 2.00 -1.97
N ALA A 398 12.11 1.27 -1.27
CA ALA A 398 12.55 0.42 -0.17
C ALA A 398 13.40 -0.74 -0.69
N ALA A 399 13.04 -1.27 -1.85
CA ALA A 399 13.80 -2.37 -2.44
C ALA A 399 15.26 -1.98 -2.65
N LEU A 400 15.49 -0.79 -3.18
CA LEU A 400 16.85 -0.31 -3.43
C LEU A 400 17.62 -0.15 -2.13
N ILE A 401 16.94 0.35 -1.10
CA ILE A 401 17.59 0.54 0.20
C ILE A 401 17.99 -0.82 0.76
N LEU A 402 17.16 -1.84 0.53
CA LEU A 402 17.48 -3.19 1.03
C LEU A 402 18.70 -3.69 0.29
N ALA A 403 18.76 -3.44 -1.02
CA ALA A 403 19.91 -3.88 -1.80
C ALA A 403 21.15 -3.21 -1.23
N GLY A 404 21.02 -1.95 -0.83
CA GLY A 404 22.13 -1.20 -0.25
C GLY A 404 22.71 -1.84 1.00
N LEU A 405 21.85 -2.48 1.79
CA LEU A 405 22.28 -3.13 3.01
C LEU A 405 23.27 -4.27 2.74
N VAL A 406 23.16 -4.88 1.57
CA VAL A 406 24.02 -5.98 1.20
C VAL A 406 25.12 -5.62 0.20
N ALA A 407 24.98 -4.48 -0.47
CA ALA A 407 25.97 -4.05 -1.46
C ALA A 407 27.33 -3.71 -0.85
N ASP A 408 28.39 -3.93 -1.64
CA ASP A 408 29.75 -3.63 -1.22
C ASP A 408 29.98 -2.16 -1.50
N GLY A 409 30.10 -1.36 -0.45
CA GLY A 409 30.32 0.07 -0.62
C GLY A 409 29.12 0.92 -0.23
N TYR A 410 29.04 2.11 -0.83
CA TYR A 410 27.98 3.04 -0.56
C TYR A 410 26.95 3.17 -1.67
N THR A 411 25.69 3.07 -1.29
CA THR A 411 24.57 3.17 -2.21
C THR A 411 23.84 4.47 -1.90
N GLN A 412 23.62 5.29 -2.93
CA GLN A 412 22.95 6.57 -2.75
C GLN A 412 21.60 6.45 -3.43
N VAL A 413 20.54 6.55 -2.65
CA VAL A 413 19.18 6.44 -3.18
C VAL A 413 18.48 7.80 -3.18
N THR A 414 18.02 8.21 -4.36
CA THR A 414 17.35 9.48 -4.55
C THR A 414 15.87 9.25 -4.86
N GLU A 415 15.13 10.34 -5.07
CA GLU A 415 13.69 10.29 -5.36
C GLU A 415 12.95 9.75 -4.15
N LEU A 416 13.34 10.22 -2.98
CA LEU A 416 12.74 9.78 -1.74
C LEU A 416 11.26 10.12 -1.60
N LYS A 417 10.74 10.97 -2.48
CA LYS A 417 9.34 11.30 -2.38
C LYS A 417 8.55 9.98 -2.39
N TYR A 418 8.94 9.04 -3.24
CA TYR A 418 8.23 7.74 -3.30
C TYR A 418 8.27 6.98 -1.97
N LEU A 419 9.43 6.95 -1.33
CA LEU A 419 9.59 6.25 -0.07
C LEU A 419 8.67 6.83 0.98
N ASP A 420 8.64 8.16 1.06
CA ASP A 420 7.82 8.88 2.03
C ASP A 420 6.32 8.67 1.88
N ARG A 421 5.88 8.14 0.74
CA ARG A 421 4.45 7.94 0.52
C ARG A 421 3.88 6.73 1.26
N GLY A 422 4.76 5.89 1.82
CA GLY A 422 4.32 4.71 2.55
C GLY A 422 5.19 4.23 3.69
N TYR A 423 6.34 4.87 3.91
CA TYR A 423 7.21 4.46 4.99
C TYR A 423 7.58 5.65 5.86
N ASN A 424 7.34 5.52 7.16
CA ASN A 424 7.65 6.60 8.08
C ASN A 424 8.94 6.27 8.81
N ASN A 425 9.85 7.25 8.85
CA ASN A 425 11.14 7.12 9.52
C ASN A 425 11.76 5.77 9.20
N PHE A 426 11.84 5.45 7.92
CA PHE A 426 12.39 4.20 7.47
C PHE A 426 13.88 4.08 7.80
N HIS A 427 14.62 5.17 7.61
CA HIS A 427 16.06 5.19 7.90
C HIS A 427 16.33 5.05 9.39
N GLY A 428 15.53 5.73 10.21
CA GLY A 428 15.69 5.67 11.66
C GLY A 428 15.49 4.27 12.19
N LYS A 429 14.50 3.56 11.65
CA LYS A 429 14.23 2.19 12.07
C LYS A 429 15.39 1.28 11.73
N LEU A 430 15.96 1.46 10.53
CA LEU A 430 17.09 0.64 10.11
C LEU A 430 18.29 0.94 11.00
N GLN A 431 18.50 2.22 11.33
CA GLN A 431 19.61 2.60 12.20
C GLN A 431 19.48 1.87 13.54
N ALA A 432 18.24 1.85 14.07
CA ALA A 432 17.96 1.20 15.34
C ALA A 432 18.25 -0.30 15.29
N LEU A 433 18.30 -0.86 14.09
CA LEU A 433 18.59 -2.29 13.93
C LEU A 433 20.09 -2.49 13.73
N GLY A 434 20.85 -1.40 13.83
CA GLY A 434 22.31 -1.45 13.66
C GLY A 434 22.82 -1.25 12.25
N ALA A 435 21.99 -0.72 11.36
CA ALA A 435 22.40 -0.50 9.99
C ALA A 435 23.10 0.85 9.80
N ASP A 436 24.05 0.89 8.88
CA ASP A 436 24.77 2.14 8.58
C ASP A 436 23.99 2.81 7.48
N VAL A 437 22.99 3.59 7.88
CA VAL A 437 22.14 4.31 6.94
C VAL A 437 21.93 5.72 7.42
N GLU A 438 21.92 6.66 6.48
CA GLU A 438 21.72 8.07 6.81
C GLU A 438 20.90 8.74 5.73
N ARG A 439 20.09 9.72 6.14
CA ARG A 439 19.27 10.47 5.22
C ARG A 439 19.76 11.91 5.34
N VAL A 440 20.38 12.41 4.28
CA VAL A 440 20.92 13.75 4.27
C VAL A 440 20.46 14.60 3.08
N ASP A 441 20.66 15.91 3.21
CA ASP A 441 20.29 16.84 2.17
C ASP A 441 21.39 16.71 1.12
N ASP A 442 21.09 17.01 -0.13
CA ASP A 442 22.08 16.91 -1.19
C ASP A 442 23.31 17.80 -0.91
N SER A 443 23.09 18.98 -0.32
CA SER A 443 24.18 19.93 -0.03
C SER A 443 25.18 19.47 1.05
N LYS A 444 24.80 18.48 1.84
CA LYS A 444 25.66 17.95 2.88
C LYS A 444 26.63 16.92 2.34
N VAL A 445 26.20 16.20 1.31
CA VAL A 445 26.99 15.13 0.68
C VAL A 445 28.12 15.48 -0.28
N ASP A 446 29.31 14.98 0.03
CA ASP A 446 30.48 15.17 -0.81
C ASP A 446 30.88 13.76 -1.22
N VAL A 447 30.36 13.34 -2.38
CA VAL A 447 30.61 11.99 -2.94
C VAL A 447 32.03 11.45 -2.74
N THR A 448 33.04 12.31 -2.79
CA THR A 448 34.42 11.86 -2.62
C THR A 448 34.73 11.50 -1.16
N ASN A 449 33.74 11.64 -0.27
CA ASN A 449 33.97 11.32 1.13
C ASN A 449 32.66 11.00 1.86
N LEU A 450 31.97 9.95 1.40
CA LEU A 450 30.72 9.53 2.01
C LEU A 450 30.99 8.94 3.40
N ALA A 451 32.19 8.38 3.57
CA ALA A 451 32.59 7.80 4.84
C ALA A 451 32.43 8.84 5.95
N SER A 452 32.66 10.10 5.61
CA SER A 452 32.53 11.20 6.55
C SER A 452 31.24 11.07 7.33
N LEU A 453 30.16 10.73 6.62
CA LEU A 453 28.85 10.57 7.23
C LEU A 453 28.91 9.31 8.09
N PHE A 454 27.80 9.00 8.75
CA PHE A 454 27.70 7.81 9.62
C PHE A 454 28.40 8.00 10.97
#